data_1B45
#
_entry.id   1B45
#
_cell.length_a   1.000
_cell.length_b   1.000
_cell.length_c   1.000
_cell.angle_alpha   90.00
_cell.angle_beta   90.00
_cell.angle_gamma   90.00
#
_symmetry.space_group_name_H-M   'P 1'
#
_entity_poly.entity_id   1
_entity_poly.type   'polypeptide(L)'
_entity_poly.pdbx_seq_one_letter_code
;GRCCHPACGKYYSC(NH2)
;
_entity_poly.pdbx_strand_id   A
#
# COMPACT_ATOMS: atom_id res chain seq x y z
N GLY A 1 1.81 3.94 -4.04
CA GLY A 1 2.86 3.66 -5.04
C GLY A 1 2.74 2.24 -5.49
N ARG A 2 3.80 1.44 -5.24
CA ARG A 2 3.81 0.03 -5.48
C ARG A 2 4.06 -0.52 -4.12
N CYS A 3 3.03 -1.15 -3.52
CA CYS A 3 3.13 -1.71 -2.20
C CYS A 3 1.84 -2.47 -2.21
N CYS A 4 1.68 -3.50 -1.37
CA CYS A 4 0.50 -4.32 -1.43
C CYS A 4 0.33 -4.90 -0.06
N HIS A 5 0.28 -4.05 0.98
CA HIS A 5 -0.11 -4.50 2.28
C HIS A 5 -0.42 -3.20 2.95
N PRO A 6 -1.26 -3.12 3.98
CA PRO A 6 -1.65 -1.86 4.61
C PRO A 6 -0.57 -1.18 5.41
N ALA A 7 0.69 -1.68 5.42
CA ALA A 7 1.76 -1.04 6.16
C ALA A 7 2.22 0.20 5.45
N CYS A 8 1.73 0.39 4.21
CA CYS A 8 1.94 1.58 3.43
C CYS A 8 0.73 2.48 3.56
N GLY A 9 -0.17 2.21 4.53
CA GLY A 9 -1.23 3.12 4.86
C GLY A 9 -2.31 3.00 3.84
N LYS A 10 -2.47 4.04 2.99
CA LYS A 10 -3.43 4.03 1.91
C LYS A 10 -2.68 4.26 0.65
N TYR A 11 -1.36 4.02 0.69
CA TYR A 11 -0.47 4.25 -0.42
C TYR A 11 0.05 2.91 -0.83
N TYR A 12 -0.85 1.90 -0.81
CA TYR A 12 -0.56 0.59 -1.31
C TYR A 12 -1.57 0.42 -2.37
N SER A 13 -1.27 -0.45 -3.34
CA SER A 13 -1.91 -0.43 -4.63
C SER A 13 -2.95 -1.50 -4.70
N CYS A 14 -3.18 -2.16 -3.56
CA CYS A 14 -4.07 -3.29 -3.46
C CYS A 14 -5.26 -2.88 -2.58
N GLY A 1 4.56 3.24 -7.20
CA GLY A 1 4.85 1.82 -7.46
C GLY A 1 3.61 1.01 -7.26
N ARG A 2 3.64 0.09 -6.28
CA ARG A 2 2.53 -0.69 -5.87
C ARG A 2 2.89 -0.73 -4.42
N CYS A 3 1.92 -0.96 -3.53
CA CYS A 3 2.20 -1.05 -2.13
C CYS A 3 1.06 -1.90 -1.66
N CYS A 4 1.36 -3.08 -1.10
CA CYS A 4 0.38 -4.10 -0.86
C CYS A 4 0.77 -4.80 0.40
N HIS A 5 0.70 -4.10 1.55
CA HIS A 5 0.92 -4.72 2.83
C HIS A 5 0.28 -3.69 3.71
N PRO A 6 -0.12 -3.93 4.96
CA PRO A 6 -0.94 -2.97 5.70
C PRO A 6 -0.20 -1.72 6.08
N ALA A 7 1.14 -1.76 6.04
CA ALA A 7 1.98 -0.67 6.48
C ALA A 7 2.02 0.43 5.45
N CYS A 8 1.34 0.22 4.31
CA CYS A 8 1.17 1.23 3.30
C CYS A 8 0.18 2.26 3.78
N GLY A 9 -0.76 1.84 4.65
CA GLY A 9 -1.73 2.74 5.23
C GLY A 9 -2.69 3.21 4.17
N LYS A 10 -2.65 4.52 3.86
CA LYS A 10 -3.56 5.15 2.93
C LYS A 10 -2.93 5.26 1.59
N TYR A 11 -1.78 4.60 1.43
CA TYR A 11 -1.02 4.58 0.21
C TYR A 11 -1.03 3.15 -0.28
N TYR A 12 -2.09 2.41 0.10
CA TYR A 12 -2.28 1.02 -0.28
C TYR A 12 -2.69 1.06 -1.72
N SER A 13 -2.08 0.23 -2.59
CA SER A 13 -2.34 0.32 -4.00
C SER A 13 -1.76 -0.91 -4.61
N CYS A 14 -2.63 -1.87 -4.97
CA CYS A 14 -2.22 -3.04 -5.71
C CYS A 14 -2.80 -2.89 -7.12
N GLY A 1 3.69 4.72 -6.66
CA GLY A 1 4.09 3.31 -6.45
C GLY A 1 2.89 2.48 -6.13
N ARG A 2 3.07 1.40 -5.37
CA ARG A 2 2.00 0.50 -5.06
C ARG A 2 2.55 -0.06 -3.80
N CYS A 3 1.72 -0.67 -2.97
CA CYS A 3 2.17 -1.32 -1.79
C CYS A 3 1.03 -2.25 -1.61
N CYS A 4 1.29 -3.44 -1.07
CA CYS A 4 0.31 -4.50 -1.07
C CYS A 4 0.30 -5.09 0.31
N HIS A 5 0.70 -4.34 1.37
CA HIS A 5 0.68 -4.88 2.70
C HIS A 5 0.21 -3.71 3.52
N PRO A 6 -0.58 -3.88 4.58
CA PRO A 6 -1.33 -2.79 5.20
C PRO A 6 -0.49 -1.96 6.13
N ALA A 7 0.86 -2.10 6.10
CA ALA A 7 1.75 -1.24 6.86
C ALA A 7 2.04 -0.02 6.04
N CYS A 8 1.49 0.00 4.80
CA CYS A 8 1.37 1.16 4.00
C CYS A 8 -0.05 1.56 4.20
N GLY A 9 -0.28 2.84 4.53
CA GLY A 9 -1.60 3.40 4.63
C GLY A 9 -2.00 3.85 3.27
N LYS A 10 -1.79 5.14 2.91
CA LYS A 10 -2.35 5.69 1.70
C LYS A 10 -1.40 5.53 0.53
N TYR A 11 -0.70 4.39 0.45
CA TYR A 11 0.15 4.05 -0.67
C TYR A 11 -0.23 2.65 -1.04
N TYR A 12 -1.35 2.18 -0.47
CA TYR A 12 -1.81 0.83 -0.58
C TYR A 12 -2.54 0.75 -1.88
N SER A 13 -2.21 -0.26 -2.70
CA SER A 13 -2.81 -0.43 -3.98
C SER A 13 -2.86 -1.92 -4.07
N CYS A 14 -2.53 -2.44 -5.27
CA CYS A 14 -2.44 -3.83 -5.65
C CYS A 14 -3.82 -4.49 -5.81
N GLY A 1 4.25 2.96 -8.36
CA GLY A 1 4.60 2.55 -6.98
C GLY A 1 3.69 1.45 -6.55
N ARG A 2 4.26 0.34 -6.04
CA ARG A 2 3.49 -0.78 -5.58
C ARG A 2 3.87 -0.93 -4.14
N CYS A 3 2.86 -1.08 -3.27
CA CYS A 3 3.04 -1.50 -1.92
C CYS A 3 1.74 -2.23 -1.86
N CYS A 4 1.74 -3.47 -1.34
CA CYS A 4 0.59 -4.33 -1.40
C CYS A 4 0.61 -5.12 -0.14
N HIS A 5 0.72 -4.40 0.99
CA HIS A 5 0.40 -4.89 2.28
C HIS A 5 0.01 -3.57 2.85
N PRO A 6 -0.92 -3.43 3.79
CA PRO A 6 -1.51 -2.14 4.13
C PRO A 6 -0.65 -1.39 5.12
N ALA A 7 0.62 -1.79 5.34
CA ALA A 7 1.50 -1.13 6.28
C ALA A 7 1.91 0.22 5.74
N CYS A 8 1.68 0.45 4.43
CA CYS A 8 1.92 1.73 3.80
C CYS A 8 0.78 2.68 4.07
N GLY A 9 -0.35 2.20 4.63
CA GLY A 9 -1.41 3.04 5.11
C GLY A 9 -2.55 2.89 4.18
N LYS A 10 -3.34 3.96 3.98
CA LYS A 10 -4.44 3.94 3.03
C LYS A 10 -3.96 4.57 1.76
N TYR A 11 -2.65 4.46 1.49
CA TYR A 11 -2.00 4.95 0.32
C TYR A 11 -1.11 3.80 0.01
N TYR A 12 -1.60 2.83 -0.77
CA TYR A 12 -0.87 1.65 -1.08
C TYR A 12 -1.65 1.21 -2.28
N SER A 13 -1.19 0.18 -3.01
CA SER A 13 -1.56 0.02 -4.40
C SER A 13 -2.24 -1.30 -4.62
N CYS A 14 -2.74 -1.91 -3.54
CA CYS A 14 -3.59 -3.08 -3.64
C CYS A 14 -4.74 -2.82 -2.67
N GLY A 1 5.94 2.05 -8.87
CA GLY A 1 5.54 0.80 -8.17
C GLY A 1 4.17 0.94 -7.60
N ARG A 2 3.92 0.31 -6.45
CA ARG A 2 2.68 0.40 -5.74
C ARG A 2 3.16 -0.12 -4.43
N CYS A 3 2.29 -0.16 -3.40
CA CYS A 3 2.63 -0.68 -2.11
C CYS A 3 1.43 -1.52 -1.84
N CYS A 4 1.63 -2.65 -1.15
CA CYS A 4 0.60 -3.63 -0.96
C CYS A 4 1.02 -4.46 0.24
N HIS A 5 0.93 -3.90 1.46
CA HIS A 5 1.10 -4.65 2.67
C HIS A 5 0.47 -3.69 3.64
N PRO A 6 0.02 -4.03 4.84
CA PRO A 6 -0.83 -3.16 5.62
C PRO A 6 -0.04 -2.12 6.37
N ALA A 7 1.27 -1.99 6.12
CA ALA A 7 2.09 -0.94 6.69
C ALA A 7 1.91 0.30 5.86
N CYS A 8 1.34 0.14 4.65
CA CYS A 8 0.93 1.22 3.81
C CYS A 8 -0.54 1.30 4.04
N GLY A 9 -1.03 2.43 4.58
CA GLY A 9 -2.43 2.57 4.92
C GLY A 9 -3.18 3.03 3.71
N LYS A 10 -3.16 4.36 3.44
CA LYS A 10 -3.90 4.92 2.32
C LYS A 10 -3.05 4.91 1.09
N TYR A 11 -1.88 4.27 1.22
CA TYR A 11 -0.90 4.13 0.17
C TYR A 11 -0.92 2.70 -0.29
N TYR A 12 -1.85 1.89 0.28
CA TYR A 12 -2.15 0.54 -0.13
C TYR A 12 -2.78 0.68 -1.49
N SER A 13 -2.00 0.43 -2.56
CA SER A 13 -2.32 0.97 -3.86
C SER A 13 -2.58 -0.15 -4.80
N CYS A 14 -2.70 -1.36 -4.24
CA CYS A 14 -3.03 -2.55 -4.98
C CYS A 14 -4.57 -2.71 -4.93
N GLY A 1 5.43 2.72 -8.52
CA GLY A 1 5.32 1.42 -7.83
C GLY A 1 3.90 1.16 -7.43
N ARG A 2 3.71 0.27 -6.43
CA ARG A 2 2.45 0.02 -5.79
C ARG A 2 3.01 -0.22 -4.43
N CYS A 3 2.26 0.05 -3.36
CA CYS A 3 2.66 -0.22 -2.01
C CYS A 3 1.65 -1.24 -1.60
N CYS A 4 2.14 -2.42 -1.15
CA CYS A 4 1.43 -3.64 -1.39
C CYS A 4 1.50 -4.49 -0.15
N HIS A 5 1.34 -3.89 1.04
CA HIS A 5 1.20 -4.67 2.24
C HIS A 5 0.27 -3.80 3.03
N PRO A 6 -0.48 -4.28 4.04
CA PRO A 6 -1.55 -3.50 4.63
C PRO A 6 -1.07 -2.38 5.52
N ALA A 7 0.25 -2.25 5.71
CA ALA A 7 0.84 -1.26 6.57
C ALA A 7 1.22 -0.06 5.75
N CYS A 8 0.77 -0.02 4.48
CA CYS A 8 1.03 1.09 3.59
C CYS A 8 0.01 2.18 3.80
N GLY A 9 -1.09 1.88 4.53
CA GLY A 9 -2.02 2.91 4.95
C GLY A 9 -2.81 3.39 3.77
N LYS A 10 -2.66 4.68 3.39
CA LYS A 10 -3.39 5.28 2.31
C LYS A 10 -2.48 5.45 1.13
N TYR A 11 -1.37 4.70 1.15
CA TYR A 11 -0.53 4.52 -0.02
C TYR A 11 -0.80 3.12 -0.51
N TYR A 12 -1.65 2.36 0.22
CA TYR A 12 -1.93 0.97 -0.01
C TYR A 12 -2.68 0.84 -1.30
N SER A 13 -2.02 0.22 -2.29
CA SER A 13 -2.40 0.31 -3.68
C SER A 13 -2.44 -1.08 -4.21
N CYS A 14 -2.68 -2.06 -3.32
CA CYS A 14 -2.96 -3.42 -3.71
C CYS A 14 -4.23 -3.80 -2.92
N GLY A 1 5.33 3.00 -6.24
CA GLY A 1 5.09 1.80 -7.08
C GLY A 1 3.93 1.04 -6.53
N ARG A 2 4.00 -0.31 -6.59
CA ARG A 2 2.98 -1.16 -6.06
C ARG A 2 3.36 -1.47 -4.65
N CYS A 3 2.39 -1.34 -3.74
CA CYS A 3 2.53 -1.66 -2.36
C CYS A 3 1.18 -2.25 -2.15
N CYS A 4 1.07 -3.22 -1.22
CA CYS A 4 -0.18 -3.85 -0.93
C CYS A 4 0.01 -4.44 0.42
N HIS A 5 0.28 -3.61 1.45
CA HIS A 5 0.42 -4.12 2.78
C HIS A 5 -0.09 -2.93 3.55
N PRO A 6 -0.52 -3.06 4.80
CA PRO A 6 -0.92 -1.93 5.63
C PRO A 6 0.24 -1.06 6.03
N ALA A 7 1.48 -1.41 5.66
CA ALA A 7 2.66 -0.62 5.96
C ALA A 7 2.67 0.64 5.13
N CYS A 8 1.83 0.68 4.08
CA CYS A 8 1.62 1.87 3.30
C CYS A 8 0.31 2.50 3.73
N GLY A 9 -0.23 2.13 4.91
CA GLY A 9 -1.42 2.73 5.45
C GLY A 9 -2.59 2.23 4.68
N LYS A 10 -3.40 3.17 4.15
CA LYS A 10 -4.43 2.89 3.18
C LYS A 10 -4.06 3.78 2.03
N TYR A 11 -2.75 3.77 1.68
CA TYR A 11 -2.22 4.50 0.57
C TYR A 11 -1.36 3.49 -0.14
N TYR A 12 -1.82 2.22 -0.14
CA TYR A 12 -1.23 1.17 -0.89
C TYR A 12 -1.87 1.22 -2.25
N SER A 13 -1.35 0.46 -3.23
CA SER A 13 -1.58 0.80 -4.61
C SER A 13 -2.03 -0.41 -5.37
N CYS A 14 -2.46 -1.45 -4.65
CA CYS A 14 -3.09 -2.61 -5.23
C CYS A 14 -4.60 -2.32 -5.39
N GLY A 1 7.67 1.84 -6.09
CA GLY A 1 7.13 0.89 -7.09
C GLY A 1 5.65 0.92 -7.02
N ARG A 2 5.06 0.02 -6.22
CA ARG A 2 3.66 -0.01 -5.91
C ARG A 2 3.78 -0.55 -4.52
N CYS A 3 2.69 -0.52 -3.74
CA CYS A 3 2.69 -1.03 -2.40
C CYS A 3 1.44 -1.85 -2.35
N CYS A 4 1.56 -3.12 -1.92
CA CYS A 4 0.44 -4.05 -1.90
C CYS A 4 0.58 -4.78 -0.60
N HIS A 5 0.64 -4.04 0.52
CA HIS A 5 0.53 -4.62 1.82
C HIS A 5 0.09 -3.40 2.57
N PRO A 6 -0.67 -3.44 3.67
CA PRO A 6 -1.21 -2.23 4.28
C PRO A 6 -0.22 -1.48 5.14
N ALA A 7 1.10 -1.76 5.06
CA ALA A 7 2.08 -1.20 5.96
C ALA A 7 2.61 0.10 5.42
N CYS A 8 1.94 0.64 4.39
CA CYS A 8 2.27 1.88 3.75
C CYS A 8 1.40 2.96 4.31
N GLY A 9 0.06 2.78 4.28
CA GLY A 9 -0.84 3.76 4.75
C GLY A 9 -2.10 3.14 4.30
N LYS A 10 -3.24 3.85 4.41
CA LYS A 10 -4.53 3.32 4.00
C LYS A 10 -4.91 3.91 2.67
N TYR A 11 -3.89 4.15 1.81
CA TYR A 11 -4.04 4.38 0.42
C TYR A 11 -2.80 3.64 0.11
N TYR A 12 -2.89 2.68 -0.81
CA TYR A 12 -1.80 1.87 -1.27
C TYR A 12 -2.54 1.16 -2.36
N SER A 13 -1.88 0.24 -3.11
CA SER A 13 -2.34 -0.16 -4.41
C SER A 13 -3.13 -1.43 -4.37
N CYS A 14 -3.42 -1.89 -3.16
CA CYS A 14 -4.26 -3.05 -2.94
C CYS A 14 -5.16 -2.70 -1.74
N GLY A 1 7.73 1.12 -7.30
CA GLY A 1 7.04 -0.19 -7.39
C GLY A 1 5.57 0.06 -7.26
N ARG A 2 4.98 -0.30 -6.11
CA ARG A 2 3.63 0.03 -5.79
C ARG A 2 3.67 -0.25 -4.33
N CYS A 3 2.61 0.10 -3.58
CA CYS A 3 2.58 -0.06 -2.16
C CYS A 3 1.46 -1.04 -1.91
N CYS A 4 1.80 -2.34 -1.95
CA CYS A 4 0.84 -3.41 -1.82
C CYS A 4 1.37 -4.20 -0.66
N HIS A 5 1.13 -3.68 0.56
CA HIS A 5 1.24 -4.41 1.78
C HIS A 5 0.38 -3.49 2.59
N PRO A 6 -0.16 -3.86 3.73
CA PRO A 6 -1.01 -2.99 4.51
C PRO A 6 -0.14 -2.13 5.38
N ALA A 7 1.19 -2.35 5.35
CA ALA A 7 2.18 -1.56 6.03
C ALA A 7 2.55 -0.42 5.12
N CYS A 8 1.51 0.25 4.58
CA CYS A 8 1.59 1.34 3.66
C CYS A 8 0.89 2.44 4.37
N GLY A 9 -0.44 2.50 4.28
CA GLY A 9 -1.17 3.55 4.90
C GLY A 9 -2.50 3.33 4.30
N LYS A 10 -3.36 4.37 4.29
CA LYS A 10 -4.70 4.33 3.75
C LYS A 10 -4.65 5.02 2.41
N TYR A 11 -3.57 4.71 1.67
CA TYR A 11 -3.37 4.90 0.28
C TYR A 11 -2.69 3.58 0.20
N TYR A 12 -3.14 2.72 -0.72
CA TYR A 12 -2.82 1.33 -0.66
C TYR A 12 -3.02 0.99 -2.09
N SER A 13 -2.10 0.25 -2.73
CA SER A 13 -2.18 -0.05 -4.14
C SER A 13 -2.83 -1.38 -4.35
N CYS A 14 -3.38 -1.94 -3.27
CA CYS A 14 -4.16 -3.15 -3.33
C CYS A 14 -5.38 -2.88 -2.45
N GLY A 1 3.96 4.73 -4.99
CA GLY A 1 4.25 3.58 -5.86
C GLY A 1 3.03 2.75 -5.94
N ARG A 2 3.15 1.48 -5.52
CA ARG A 2 2.02 0.61 -5.31
C ARG A 2 2.60 -0.15 -4.16
N CYS A 3 1.77 -0.77 -3.32
CA CYS A 3 2.25 -1.50 -2.19
C CYS A 3 1.13 -2.38 -1.80
N CYS A 4 1.43 -3.60 -1.34
CA CYS A 4 0.46 -4.65 -1.24
C CYS A 4 0.42 -5.18 0.17
N HIS A 5 0.72 -4.35 1.21
CA HIS A 5 0.48 -4.76 2.56
C HIS A 5 0.01 -3.48 3.20
N PRO A 6 -0.82 -3.45 4.24
CA PRO A 6 -1.60 -2.27 4.57
C PRO A 6 -0.82 -1.33 5.41
N ALA A 7 0.41 -1.71 5.81
CA ALA A 7 1.29 -0.88 6.63
C ALA A 7 1.86 0.25 5.79
N CYS A 8 1.57 0.19 4.48
CA CYS A 8 1.87 1.21 3.52
C CYS A 8 0.83 2.28 3.51
N GLY A 9 -0.27 2.14 4.28
CA GLY A 9 -1.20 3.22 4.50
C GLY A 9 -1.89 3.64 3.23
N LYS A 10 -1.65 4.89 2.76
CA LYS A 10 -2.35 5.47 1.64
C LYS A 10 -1.67 5.16 0.35
N TYR A 11 -0.62 4.33 0.44
CA TYR A 11 0.06 3.78 -0.71
C TYR A 11 -0.34 2.35 -0.83
N TYR A 12 -1.16 1.83 0.12
CA TYR A 12 -1.64 0.47 0.06
C TYR A 12 -2.63 0.40 -1.06
N SER A 13 -2.34 -0.50 -2.01
CA SER A 13 -2.97 -0.53 -3.27
C SER A 13 -2.97 -2.01 -3.57
N CYS A 14 -2.69 -2.37 -4.82
CA CYS A 14 -2.67 -3.72 -5.35
C CYS A 14 -4.06 -4.35 -5.44
N GLY A 1 5.68 2.65 -8.64
CA GLY A 1 5.55 1.36 -7.94
C GLY A 1 4.14 1.15 -7.48
N ARG A 2 3.96 0.38 -6.40
CA ARG A 2 2.67 0.17 -5.81
C ARG A 2 3.12 -0.23 -4.45
N CYS A 3 2.23 -0.17 -3.44
CA CYS A 3 2.55 -0.51 -2.09
C CYS A 3 1.41 -1.42 -1.72
N CYS A 4 1.71 -2.65 -1.27
CA CYS A 4 0.68 -3.64 -1.08
C CYS A 4 1.18 -4.48 0.05
N HIS A 5 0.99 -3.98 1.28
CA HIS A 5 1.09 -4.72 2.49
C HIS A 5 0.29 -3.77 3.35
N PRO A 6 -0.29 -4.11 4.50
CA PRO A 6 -1.29 -3.24 5.13
C PRO A 6 -0.68 -2.00 5.70
N ALA A 7 0.65 -2.00 5.94
CA ALA A 7 1.37 -0.91 6.55
C ALA A 7 1.52 0.25 5.60
N CYS A 8 1.08 0.07 4.35
CA CYS A 8 1.05 1.13 3.37
C CYS A 8 -0.02 2.13 3.73
N GLY A 9 -1.10 1.68 4.41
CA GLY A 9 -2.09 2.54 5.00
C GLY A 9 -2.86 3.30 3.94
N LYS A 10 -2.46 4.57 3.70
CA LYS A 10 -3.15 5.48 2.84
C LYS A 10 -2.58 5.43 1.45
N TYR A 11 -1.59 4.55 1.31
CA TYR A 11 -0.82 4.39 0.10
C TYR A 11 -1.08 2.99 -0.38
N TYR A 12 -2.07 2.31 0.25
CA TYR A 12 -2.39 0.92 0.04
C TYR A 12 -2.97 0.77 -1.34
N SER A 13 -2.18 0.19 -2.24
CA SER A 13 -2.38 0.27 -3.65
C SER A 13 -2.14 -1.11 -4.16
N CYS A 14 -2.93 -2.08 -3.64
CA CYS A 14 -2.92 -3.44 -4.15
C CYS A 14 -3.75 -3.50 -5.46
N GLY A 1 8.25 -0.05 -6.98
CA GLY A 1 7.14 -1.01 -7.15
C GLY A 1 5.84 -0.29 -7.11
N ARG A 2 4.98 -0.65 -6.15
CA ARG A 2 3.75 0.02 -5.87
C ARG A 2 3.71 -0.30 -4.41
N CYS A 3 2.76 0.27 -3.64
CA CYS A 3 2.73 0.06 -2.21
C CYS A 3 1.56 -0.85 -1.99
N CYS A 4 1.82 -2.17 -1.94
CA CYS A 4 0.80 -3.17 -1.83
C CYS A 4 1.28 -4.07 -0.73
N HIS A 5 1.04 -3.68 0.52
CA HIS A 5 1.06 -4.55 1.66
C HIS A 5 0.39 -3.62 2.64
N PRO A 6 0.00 -3.99 3.85
CA PRO A 6 -0.72 -3.07 4.72
C PRO A 6 0.19 -2.00 5.30
N ALA A 7 1.52 -2.19 5.24
CA ALA A 7 2.49 -1.29 5.83
C ALA A 7 2.75 -0.16 4.86
N CYS A 8 1.67 0.54 4.48
CA CYS A 8 1.69 1.63 3.56
C CYS A 8 1.01 2.75 4.29
N GLY A 9 -0.34 2.76 4.26
CA GLY A 9 -1.10 3.82 4.81
C GLY A 9 -2.44 3.37 4.38
N LYS A 10 -3.46 4.24 4.52
CA LYS A 10 -4.86 3.93 4.34
C LYS A 10 -5.29 4.25 2.92
N TYR A 11 -4.31 4.26 2.02
CA TYR A 11 -4.46 4.42 0.62
C TYR A 11 -3.29 3.54 0.38
N TYR A 12 -3.44 2.53 -0.46
CA TYR A 12 -2.38 1.62 -0.76
C TYR A 12 -2.84 1.18 -2.10
N SER A 13 -1.97 0.49 -2.85
CA SER A 13 -2.14 0.30 -4.26
C SER A 13 -2.79 -1.01 -4.57
N CYS A 14 -3.51 -1.58 -3.59
CA CYS A 14 -4.25 -2.80 -3.80
C CYS A 14 -5.61 -2.65 -3.09
N GLY A 1 5.97 2.83 -8.69
CA GLY A 1 5.66 2.97 -7.25
C GLY A 1 4.26 2.54 -7.01
N ARG A 2 4.05 1.70 -5.97
CA ARG A 2 2.76 1.35 -5.47
C ARG A 2 3.22 0.71 -4.20
N CYS A 3 2.31 0.15 -3.39
CA CYS A 3 2.66 -0.45 -2.15
C CYS A 3 1.56 -1.44 -2.03
N CYS A 4 1.81 -2.55 -1.32
CA CYS A 4 0.83 -3.59 -1.17
C CYS A 4 1.36 -4.36 -0.01
N HIS A 5 1.08 -3.90 1.22
CA HIS A 5 1.19 -4.71 2.38
C HIS A 5 0.21 -3.97 3.24
N PRO A 6 -0.49 -4.56 4.21
CA PRO A 6 -1.66 -3.93 4.82
C PRO A 6 -1.32 -2.68 5.60
N ALA A 7 -0.12 -2.61 6.20
CA ALA A 7 0.28 -1.47 6.99
C ALA A 7 1.20 -0.66 6.14
N CYS A 8 0.66 0.00 5.10
CA CYS A 8 1.45 0.88 4.28
C CYS A 8 1.05 2.28 4.61
N GLY A 9 -0.18 2.67 4.26
CA GLY A 9 -0.65 4.01 4.42
C GLY A 9 -1.63 4.00 3.32
N LYS A 10 -2.04 5.18 2.79
CA LYS A 10 -3.03 5.30 1.74
C LYS A 10 -2.37 5.12 0.39
N TYR A 11 -1.36 4.23 0.33
CA TYR A 11 -0.60 3.90 -0.83
C TYR A 11 -0.88 2.45 -1.12
N TYR A 12 -1.68 1.81 -0.25
CA TYR A 12 -2.04 0.43 -0.30
C TYR A 12 -2.84 0.19 -1.56
N SER A 13 -2.18 -0.40 -2.57
CA SER A 13 -2.70 -0.46 -3.90
C SER A 13 -3.12 -1.87 -4.18
N CYS A 14 -3.64 -2.56 -3.14
CA CYS A 14 -4.27 -3.85 -3.30
C CYS A 14 -5.58 -3.81 -2.51
N GLY A 1 7.30 2.21 -7.58
CA GLY A 1 6.85 0.79 -7.54
C GLY A 1 5.38 0.76 -7.28
N ARG A 2 4.95 -0.05 -6.30
CA ARG A 2 3.60 -0.16 -5.87
C ARG A 2 3.85 -0.46 -4.44
N CYS A 3 2.84 -0.31 -3.56
CA CYS A 3 2.94 -0.69 -2.17
C CYS A 3 1.67 -1.45 -1.93
N CYS A 4 1.76 -2.74 -1.55
CA CYS A 4 0.60 -3.55 -1.30
C CYS A 4 0.94 -4.43 -0.14
N HIS A 5 0.58 -4.00 1.07
CA HIS A 5 0.58 -4.76 2.27
C HIS A 5 -0.04 -3.73 3.17
N PRO A 6 -0.41 -3.97 4.43
CA PRO A 6 -1.11 -2.96 5.21
C PRO A 6 -0.17 -1.86 5.65
N ALA A 7 1.14 -2.15 5.74
CA ALA A 7 2.13 -1.23 6.23
C ALA A 7 2.58 -0.34 5.10
N CYS A 8 1.62 0.38 4.51
CA CYS A 8 1.84 1.30 3.43
C CYS A 8 1.34 2.61 3.95
N GLY A 9 0.00 2.74 4.03
CA GLY A 9 -0.64 3.96 4.41
C GLY A 9 -2.04 3.52 4.18
N LYS A 10 -3.01 4.46 4.24
CA LYS A 10 -4.42 4.15 4.11
C LYS A 10 -4.86 4.39 2.69
N TYR A 11 -3.91 4.30 1.76
CA TYR A 11 -4.10 4.28 0.35
C TYR A 11 -2.95 3.35 0.20
N TYR A 12 -3.12 2.31 -0.62
CA TYR A 12 -2.13 1.33 -0.90
C TYR A 12 -2.64 0.91 -2.24
N SER A 13 -1.81 0.22 -3.04
CA SER A 13 -2.02 0.14 -4.47
C SER A 13 -2.84 -1.04 -4.87
N CYS A 14 -3.39 -1.73 -3.88
CA CYS A 14 -4.19 -2.92 -4.08
C CYS A 14 -5.48 -2.74 -3.25
N GLY A 1 5.39 3.64 -7.76
CA GLY A 1 5.44 2.30 -7.11
C GLY A 1 4.06 1.79 -6.86
N ARG A 2 3.93 0.79 -5.99
CA ARG A 2 2.67 0.29 -5.56
C ARG A 2 3.11 -0.34 -4.29
N CYS A 3 2.18 -0.84 -3.48
CA CYS A 3 2.45 -1.46 -2.23
C CYS A 3 1.15 -2.19 -2.15
N CYS A 4 1.09 -3.26 -1.35
CA CYS A 4 -0.15 -3.89 -1.00
C CYS A 4 0.19 -4.58 0.29
N HIS A 5 0.17 -3.84 1.41
CA HIS A 5 0.19 -4.42 2.72
C HIS A 5 -0.19 -3.22 3.51
N PRO A 6 -0.74 -3.31 4.73
CA PRO A 6 -1.35 -2.18 5.39
C PRO A 6 -0.31 -1.32 6.04
N ALA A 7 0.99 -1.70 6.00
CA ALA A 7 2.06 -0.91 6.57
C ALA A 7 2.29 0.34 5.77
N CYS A 8 1.71 0.41 4.55
CA CYS A 8 1.74 1.60 3.74
C CYS A 8 0.54 2.47 4.04
N GLY A 9 -0.26 2.12 5.07
CA GLY A 9 -1.26 2.99 5.61
C GLY A 9 -2.48 2.92 4.77
N LYS A 10 -2.62 3.87 3.82
CA LYS A 10 -3.72 3.90 2.89
C LYS A 10 -3.13 4.20 1.55
N TYR A 11 -1.80 4.05 1.43
CA TYR A 11 -1.08 4.43 0.24
C TYR A 11 -0.59 3.16 -0.34
N TYR A 12 -1.53 2.30 -0.80
CA TYR A 12 -1.17 1.07 -1.40
C TYR A 12 -2.08 0.96 -2.57
N SER A 13 -1.72 0.09 -3.53
CA SER A 13 -2.41 -0.05 -4.77
C SER A 13 -2.45 -1.53 -4.96
N CYS A 14 -3.35 -2.19 -4.23
CA CYS A 14 -3.53 -3.62 -4.32
C CYS A 14 -4.21 -4.02 -5.65
N GLY A 1 6.11 1.82 -8.52
CA GLY A 1 5.84 1.78 -7.07
C GLY A 1 4.38 1.61 -6.85
N ARG A 2 3.99 0.63 -6.01
CA ARG A 2 2.65 0.39 -5.57
C ARG A 2 3.00 -0.19 -4.24
N CYS A 3 2.06 -0.18 -3.28
CA CYS A 3 2.26 -0.73 -1.97
C CYS A 3 1.14 -1.69 -1.78
N CYS A 4 1.46 -2.99 -1.64
CA CYS A 4 0.49 -3.99 -1.31
C CYS A 4 1.11 -4.78 -0.19
N HIS A 5 1.19 -4.14 0.99
CA HIS A 5 1.36 -4.82 2.23
C HIS A 5 0.55 -3.87 3.07
N PRO A 6 0.03 -4.19 4.26
CA PRO A 6 -0.93 -3.31 4.90
C PRO A 6 -0.27 -2.11 5.51
N ALA A 7 1.07 -2.18 5.75
CA ALA A 7 1.83 -1.17 6.46
C ALA A 7 2.11 0.00 5.56
N CYS A 8 1.04 0.58 5.03
CA CYS A 8 1.05 1.77 4.23
C CYS A 8 -0.19 2.47 4.70
N GLY A 9 -1.37 1.88 4.41
CA GLY A 9 -2.65 2.41 4.83
C GLY A 9 -3.06 3.45 3.85
N LYS A 10 -2.29 4.56 3.80
CA LYS A 10 -2.42 5.58 2.81
C LYS A 10 -1.57 5.08 1.68
N TYR A 11 -2.07 5.22 0.44
CA TYR A 11 -1.40 4.77 -0.77
C TYR A 11 -1.36 3.26 -0.86
N TYR A 12 -2.26 2.60 -0.10
CA TYR A 12 -2.44 1.16 -0.11
C TYR A 12 -3.07 0.83 -1.42
N SER A 13 -2.34 0.09 -2.27
CA SER A 13 -2.57 0.09 -3.69
C SER A 13 -2.42 -1.33 -4.17
N CYS A 14 -3.20 -2.25 -3.56
CA CYS A 14 -3.32 -3.60 -4.07
C CYS A 14 -4.30 -3.67 -5.26
N GLY A 1 6.87 -0.29 -8.86
CA GLY A 1 6.58 -0.11 -7.41
C GLY A 1 5.18 0.38 -7.24
N ARG A 2 4.55 -0.03 -6.11
CA ARG A 2 3.26 0.41 -5.68
C ARG A 2 3.49 0.18 -4.23
N CYS A 3 2.51 0.50 -3.36
CA CYS A 3 2.62 0.18 -1.96
C CYS A 3 1.47 -0.77 -1.73
N CYS A 4 1.73 -2.08 -1.61
CA CYS A 4 0.68 -3.02 -1.36
C CYS A 4 1.27 -3.93 -0.34
N HIS A 5 1.22 -3.49 0.94
CA HIS A 5 1.67 -4.24 2.08
C HIS A 5 0.72 -3.64 3.08
N PRO A 6 0.48 -4.14 4.27
CA PRO A 6 -0.48 -3.54 5.20
C PRO A 6 0.12 -2.33 5.89
N ALA A 7 1.40 -2.02 5.59
CA ALA A 7 2.13 -0.94 6.21
C ALA A 7 1.80 0.36 5.52
N CYS A 8 1.09 0.28 4.39
CA CYS A 8 0.91 1.38 3.49
C CYS A 8 -0.23 2.26 3.92
N GLY A 9 -1.16 1.74 4.74
CA GLY A 9 -2.26 2.53 5.25
C GLY A 9 -3.22 2.78 4.12
N LYS A 10 -3.42 4.06 3.75
CA LYS A 10 -4.34 4.42 2.68
C LYS A 10 -3.59 4.71 1.43
N TYR A 11 -2.30 4.36 1.42
CA TYR A 11 -1.46 4.41 0.23
C TYR A 11 -1.44 3.03 -0.36
N TYR A 12 -2.15 2.10 0.29
CA TYR A 12 -2.34 0.72 -0.07
C TYR A 12 -3.02 0.71 -1.42
N SER A 13 -2.25 0.38 -2.48
CA SER A 13 -2.60 0.80 -3.82
C SER A 13 -3.22 -0.34 -4.59
N CYS A 14 -3.52 -1.43 -3.88
CA CYS A 14 -4.09 -2.64 -4.44
C CYS A 14 -5.47 -2.84 -3.78
N GLY A 1 6.43 0.39 -8.71
CA GLY A 1 6.21 0.18 -7.26
C GLY A 1 4.82 0.57 -6.90
N ARG A 2 4.18 -0.20 -6.01
CA ARG A 2 2.90 0.08 -5.45
C ARG A 2 3.12 -0.52 -4.11
N CYS A 3 2.32 -0.12 -3.10
CA CYS A 3 2.50 -0.51 -1.73
C CYS A 3 1.26 -1.28 -1.45
N CYS A 4 1.39 -2.60 -1.22
CA CYS A 4 0.24 -3.47 -1.17
C CYS A 4 0.45 -4.45 -0.06
N HIS A 5 1.24 -4.05 0.94
CA HIS A 5 1.60 -4.87 2.07
C HIS A 5 1.21 -3.99 3.21
N PRO A 6 1.00 -4.48 4.44
CA PRO A 6 0.51 -3.68 5.55
C PRO A 6 1.59 -2.76 6.06
N ALA A 7 1.62 -1.53 5.51
CA ALA A 7 2.47 -0.47 5.92
C ALA A 7 1.65 0.71 5.50
N CYS A 8 1.27 0.71 4.21
CA CYS A 8 0.43 1.73 3.67
C CYS A 8 -0.98 1.35 3.98
N GLY A 9 -1.67 2.15 4.83
CA GLY A 9 -3.09 1.99 5.04
C GLY A 9 -3.75 2.83 4.00
N LYS A 10 -3.39 4.13 3.99
CA LYS A 10 -3.70 5.01 2.91
C LYS A 10 -2.50 4.88 2.02
N TYR A 11 -2.73 4.97 0.68
CA TYR A 11 -1.77 4.70 -0.37
C TYR A 11 -1.56 3.23 -0.53
N TYR A 12 -2.49 2.39 -0.01
CA TYR A 12 -2.52 0.96 -0.23
C TYR A 12 -2.96 0.80 -1.66
N SER A 13 -2.00 0.58 -2.56
CA SER A 13 -2.11 1.07 -3.91
C SER A 13 -2.53 -0.03 -4.83
N CYS A 14 -2.84 -1.17 -4.20
CA CYS A 14 -3.56 -2.25 -4.84
C CYS A 14 -5.05 -2.12 -4.49
N GLY A 1 2.42 4.33 -6.70
CA GLY A 1 3.51 3.34 -6.56
C GLY A 1 2.95 1.98 -6.31
N ARG A 2 3.83 1.01 -5.99
CA ARG A 2 3.44 -0.35 -5.70
C ARG A 2 3.76 -0.46 -4.24
N CYS A 3 2.79 -0.88 -3.41
CA CYS A 3 2.98 -1.28 -2.05
C CYS A 3 1.72 -2.08 -1.96
N CYS A 4 1.64 -3.13 -1.11
CA CYS A 4 0.44 -3.87 -0.91
C CYS A 4 0.70 -4.67 0.33
N HIS A 5 0.29 -4.14 1.49
CA HIS A 5 0.10 -4.86 2.71
C HIS A 5 -0.59 -3.76 3.47
N PRO A 6 -1.19 -3.93 4.65
CA PRO A 6 -1.90 -2.83 5.29
C PRO A 6 -0.96 -1.79 5.84
N ALA A 7 0.31 -2.15 6.06
CA ALA A 7 1.27 -1.34 6.77
C ALA A 7 2.03 -0.46 5.82
N CYS A 8 1.34 0.07 4.80
CA CYS A 8 1.93 0.98 3.84
C CYS A 8 1.58 2.36 4.35
N GLY A 9 0.27 2.67 4.38
CA GLY A 9 -0.23 3.95 4.75
C GLY A 9 -1.51 3.86 4.04
N LYS A 10 -2.19 5.00 3.79
CA LYS A 10 -3.42 5.03 3.03
C LYS A 10 -3.07 5.29 1.58
N TYR A 11 -2.06 4.55 1.09
CA TYR A 11 -1.58 4.60 -0.25
C TYR A 11 -1.06 3.21 -0.33
N TYR A 12 -1.68 2.33 -1.13
CA TYR A 12 -1.08 1.08 -1.51
C TYR A 12 -1.84 0.78 -2.75
N SER A 13 -1.36 -0.21 -3.52
CA SER A 13 -1.89 -0.52 -4.83
C SER A 13 -1.98 -2.00 -4.89
N CYS A 14 -3.01 -2.60 -4.26
CA CYS A 14 -3.26 -4.02 -4.34
C CYS A 14 -4.16 -4.29 -5.58
N GLY A 1 6.25 1.85 -8.13
CA GLY A 1 5.86 0.64 -7.35
C GLY A 1 4.39 0.62 -7.13
N ARG A 2 3.93 -0.07 -6.07
CA ARG A 2 2.58 -0.06 -5.64
C ARG A 2 2.87 -0.15 -4.19
N CYS A 3 1.97 0.35 -3.32
CA CYS A 3 2.15 0.25 -1.90
C CYS A 3 1.33 -0.95 -1.57
N CYS A 4 2.01 -2.09 -1.49
CA CYS A 4 1.42 -3.38 -1.74
C CYS A 4 1.65 -4.20 -0.52
N HIS A 5 1.23 -3.70 0.65
CA HIS A 5 1.42 -4.43 1.87
C HIS A 5 0.42 -3.69 2.71
N PRO A 6 -0.15 -4.29 3.76
CA PRO A 6 -1.24 -3.67 4.49
C PRO A 6 -0.69 -2.66 5.45
N ALA A 7 0.61 -2.76 5.77
CA ALA A 7 1.28 -1.85 6.67
C ALA A 7 1.82 -0.73 5.84
N CYS A 8 0.93 -0.10 5.05
CA CYS A 8 1.26 0.99 4.16
C CYS A 8 0.69 2.20 4.83
N GLY A 9 -0.58 2.51 4.54
CA GLY A 9 -1.17 3.75 4.91
C GLY A 9 -2.16 3.80 3.80
N LYS A 10 -2.74 4.99 3.55
CA LYS A 10 -3.88 5.22 2.69
C LYS A 10 -3.46 5.34 1.25
N TYR A 11 -2.27 4.81 0.92
CA TYR A 11 -1.71 4.81 -0.40
C TYR A 11 -1.72 3.40 -0.86
N TYR A 12 -2.37 2.52 -0.07
CA TYR A 12 -2.52 1.09 -0.25
C TYR A 12 -3.12 0.83 -1.60
N SER A 13 -2.30 0.22 -2.49
CA SER A 13 -2.58 0.23 -3.90
C SER A 13 -2.49 -1.19 -4.39
N CYS A 14 -2.66 -2.15 -3.45
CA CYS A 14 -2.92 -3.52 -3.79
C CYS A 14 -4.14 -3.94 -2.96
N GLY A 1 6.00 1.65 -9.10
CA GLY A 1 5.83 1.10 -7.73
C GLY A 1 4.39 1.14 -7.33
N ARG A 2 4.01 0.30 -6.35
CA ARG A 2 2.71 0.31 -5.74
C ARG A 2 3.13 -0.22 -4.42
N CYS A 3 2.23 -0.16 -3.41
CA CYS A 3 2.50 -0.66 -2.09
C CYS A 3 1.37 -1.60 -1.82
N CYS A 4 1.70 -2.84 -1.39
CA CYS A 4 0.75 -3.92 -1.29
C CYS A 4 0.83 -4.49 0.10
N HIS A 5 1.05 -3.68 1.14
CA HIS A 5 1.15 -4.19 2.49
C HIS A 5 0.31 -3.26 3.28
N PRO A 6 -0.34 -3.65 4.38
CA PRO A 6 -1.14 -2.76 5.21
C PRO A 6 -0.24 -1.91 6.09
N ALA A 7 1.08 -1.91 5.82
CA ALA A 7 2.04 -0.95 6.29
C ALA A 7 1.71 0.37 5.64
N CYS A 8 1.19 0.29 4.40
CA CYS A 8 0.63 1.41 3.71
C CYS A 8 -0.82 1.40 4.09
N GLY A 9 -1.18 2.18 5.13
CA GLY A 9 -2.56 2.31 5.57
C GLY A 9 -3.22 3.38 4.76
N LYS A 10 -2.39 4.21 4.13
CA LYS A 10 -2.79 5.11 3.11
C LYS A 10 -1.81 4.64 2.10
N TYR A 11 -2.22 4.66 0.82
CA TYR A 11 -1.42 4.37 -0.34
C TYR A 11 -1.28 2.89 -0.56
N TYR A 12 -2.14 2.07 0.08
CA TYR A 12 -2.34 0.68 -0.26
C TYR A 12 -2.94 0.71 -1.63
N SER A 13 -2.19 0.21 -2.63
CA SER A 13 -2.43 0.61 -4.00
C SER A 13 -2.57 -0.60 -4.86
N CYS A 14 -2.60 -1.76 -4.20
CA CYS A 14 -2.70 -3.04 -4.86
C CYS A 14 -4.11 -3.57 -4.56
N GLY A 1 6.64 0.97 -9.33
CA GLY A 1 6.38 0.01 -8.22
C GLY A 1 4.95 0.07 -7.81
N ARG A 2 4.64 -0.47 -6.62
CA ARG A 2 3.34 -0.44 -6.02
C ARG A 2 3.75 -0.54 -4.60
N CYS A 3 2.80 -0.36 -3.66
CA CYS A 3 2.95 -0.62 -2.27
C CYS A 3 1.58 -1.17 -2.09
N CYS A 4 1.41 -2.26 -1.32
CA CYS A 4 0.11 -2.76 -0.96
C CYS A 4 0.36 -3.70 0.17
N HIS A 5 0.28 -3.20 1.42
CA HIS A 5 0.18 -4.02 2.58
C HIS A 5 -0.25 -2.97 3.55
N PRO A 6 -0.77 -3.26 4.75
CA PRO A 6 -1.30 -2.23 5.64
C PRO A 6 -0.22 -1.38 6.24
N ALA A 7 1.07 -1.75 6.05
CA ALA A 7 2.18 -1.02 6.59
C ALA A 7 2.54 0.15 5.71
N CYS A 8 1.90 0.29 4.53
CA CYS A 8 2.10 1.44 3.68
C CYS A 8 1.39 2.61 4.31
N GLY A 9 0.13 2.35 4.71
CA GLY A 9 -0.80 3.31 5.19
C GLY A 9 -2.01 2.51 4.84
N LYS A 10 -3.21 3.15 4.81
CA LYS A 10 -4.41 2.50 4.35
C LYS A 10 -4.83 3.28 3.13
N TYR A 11 -3.85 3.56 2.26
CA TYR A 11 -4.01 4.12 0.98
C TYR A 11 -2.79 3.43 0.49
N TYR A 12 -2.87 2.74 -0.63
CA TYR A 12 -1.81 1.96 -1.18
C TYR A 12 -2.44 1.58 -2.46
N SER A 13 -1.71 0.85 -3.33
CA SER A 13 -2.11 0.58 -4.67
C SER A 13 -1.98 -0.89 -4.89
N CYS A 14 -3.05 -1.65 -4.59
CA CYS A 14 -3.20 -3.01 -5.09
C CYS A 14 -3.87 -2.97 -6.49
N GLY A 1 6.57 1.35 -6.92
CA GLY A 1 5.62 0.55 -7.72
C GLY A 1 4.23 0.88 -7.28
N ARG A 2 3.67 0.06 -6.38
CA ARG A 2 2.42 0.28 -5.74
C ARG A 2 2.86 -0.11 -4.37
N CYS A 3 2.12 0.30 -3.31
CA CYS A 3 2.43 -0.05 -1.95
C CYS A 3 1.39 -1.08 -1.67
N CYS A 4 1.80 -2.30 -1.28
CA CYS A 4 0.88 -3.40 -1.14
C CYS A 4 1.39 -4.24 -0.02
N HIS A 5 0.98 -3.94 1.22
CA HIS A 5 1.15 -4.77 2.37
C HIS A 5 0.36 -3.94 3.34
N PRO A 6 0.06 -4.35 4.57
CA PRO A 6 -0.76 -3.53 5.45
C PRO A 6 0.00 -2.34 5.97
N ALA A 7 1.34 -2.37 5.89
CA ALA A 7 2.20 -1.32 6.39
C ALA A 7 2.34 -0.28 5.31
N CYS A 8 1.19 0.25 4.86
CA CYS A 8 1.13 1.32 3.91
C CYS A 8 0.37 2.36 4.65
N GLY A 9 -0.96 2.37 4.48
CA GLY A 9 -1.82 3.40 4.96
C GLY A 9 -2.75 3.38 3.80
N LYS A 10 -3.32 4.54 3.41
CA LYS A 10 -4.19 4.64 2.26
C LYS A 10 -3.38 4.82 1.01
N TYR A 11 -2.09 4.46 1.11
CA TYR A 11 -1.15 4.44 0.02
C TYR A 11 -1.24 3.07 -0.60
N TYR A 12 -1.95 2.15 0.09
CA TYR A 12 -2.23 0.79 -0.29
C TYR A 12 -2.94 0.82 -1.63
N SER A 13 -2.25 0.33 -2.68
CA SER A 13 -2.61 0.68 -4.04
C SER A 13 -2.81 -0.56 -4.86
N CYS A 14 -2.85 -1.72 -4.17
CA CYS A 14 -3.25 -2.97 -4.79
C CYS A 14 -4.75 -3.12 -4.48
N GLY A 1 6.04 2.58 -7.22
CA GLY A 1 5.56 1.25 -7.67
C GLY A 1 4.15 1.09 -7.28
N ARG A 2 3.89 0.49 -6.09
CA ARG A 2 2.60 0.38 -5.51
C ARG A 2 3.02 0.15 -4.11
N CYS A 3 2.07 -0.01 -3.17
CA CYS A 3 2.33 -0.47 -1.85
C CYS A 3 1.15 -1.37 -1.73
N CYS A 4 1.31 -2.55 -1.12
CA CYS A 4 0.24 -3.49 -0.91
C CYS A 4 0.78 -4.37 0.20
N HIS A 5 0.46 -4.05 1.46
CA HIS A 5 0.76 -4.86 2.61
C HIS A 5 0.10 -4.01 3.66
N PRO A 6 0.00 -4.37 4.95
CA PRO A 6 -0.68 -3.54 5.92
C PRO A 6 0.10 -2.30 6.27
N ALA A 7 1.44 -2.36 6.17
CA ALA A 7 2.31 -1.26 6.52
C ALA A 7 2.45 -0.36 5.33
N CYS A 8 1.30 0.17 4.86
CA CYS A 8 1.24 1.11 3.78
C CYS A 8 0.74 2.35 4.44
N GLY A 9 -0.59 2.55 4.45
CA GLY A 9 -1.20 3.75 4.92
C GLY A 9 -2.29 3.78 3.92
N LYS A 10 -2.77 4.96 3.52
CA LYS A 10 -3.77 5.12 2.49
C LYS A 10 -3.09 5.11 1.15
N TYR A 11 -2.18 4.13 0.95
CA TYR A 11 -1.31 4.07 -0.19
C TYR A 11 -1.43 2.69 -0.74
N TYR A 12 -2.41 1.92 -0.22
CA TYR A 12 -2.65 0.53 -0.53
C TYR A 12 -3.21 0.52 -1.92
N SER A 13 -2.34 0.24 -2.89
CA SER A 13 -2.57 0.51 -4.28
C SER A 13 -2.41 -0.81 -4.95
N CYS A 14 -3.12 -1.82 -4.43
CA CYS A 14 -2.98 -3.19 -4.87
C CYS A 14 -3.85 -3.43 -6.11
N GLY A 1 7.00 2.08 -8.60
CA GLY A 1 6.71 1.64 -7.22
C GLY A 1 5.24 1.49 -7.01
N ARG A 2 4.83 0.57 -6.12
CA ARG A 2 3.48 0.35 -5.75
C ARG A 2 3.74 -0.17 -4.38
N CYS A 3 2.69 -0.40 -3.57
CA CYS A 3 2.83 -1.03 -2.30
C CYS A 3 1.54 -1.76 -2.27
N CYS A 4 1.49 -2.95 -1.63
CA CYS A 4 0.27 -3.68 -1.47
C CYS A 4 0.44 -4.42 -0.19
N HIS A 5 0.48 -3.69 0.95
CA HIS A 5 0.30 -4.30 2.23
C HIS A 5 -0.10 -3.13 3.09
N PRO A 6 -0.80 -3.30 4.22
CA PRO A 6 -1.32 -2.20 5.02
C PRO A 6 -0.28 -1.41 5.78
N ALA A 7 1.03 -1.68 5.60
CA ALA A 7 2.07 -0.92 6.26
C ALA A 7 2.23 0.38 5.55
N CYS A 8 1.70 0.49 4.31
CA CYS A 8 1.67 1.70 3.55
C CYS A 8 0.32 2.34 3.72
N GLY A 9 -0.22 2.33 4.96
CA GLY A 9 -1.38 3.08 5.35
C GLY A 9 -2.59 2.56 4.65
N LYS A 10 -3.25 3.42 3.86
CA LYS A 10 -4.29 3.01 2.95
C LYS A 10 -3.90 3.67 1.65
N TYR A 11 -2.57 3.77 1.42
CA TYR A 11 -2.03 4.40 0.24
C TYR A 11 -1.50 3.30 -0.62
N TYR A 12 -1.74 2.05 -0.19
CA TYR A 12 -1.30 0.89 -0.90
C TYR A 12 -2.31 0.58 -1.95
N SER A 13 -1.84 0.00 -3.06
CA SER A 13 -2.48 0.11 -4.34
C SER A 13 -3.52 -0.93 -4.52
N CYS A 14 -3.49 -1.86 -3.58
CA CYS A 14 -4.42 -2.96 -3.48
C CYS A 14 -5.50 -2.62 -2.44
N GLY A 1 6.97 2.11 -8.58
CA GLY A 1 6.64 0.97 -7.70
C GLY A 1 5.17 0.96 -7.40
N ARG A 2 4.79 0.50 -6.21
CA ARG A 2 3.45 0.52 -5.74
C ARG A 2 3.72 0.20 -4.32
N CYS A 3 2.66 -0.04 -3.51
CA CYS A 3 2.81 -0.62 -2.22
C CYS A 3 1.62 -1.53 -2.30
N CYS A 4 1.68 -2.70 -1.63
CA CYS A 4 0.62 -3.66 -1.72
C CYS A 4 0.71 -4.41 -0.42
N HIS A 5 0.70 -3.68 0.72
CA HIS A 5 0.49 -4.30 1.99
C HIS A 5 -0.03 -3.13 2.76
N PRO A 6 -0.81 -3.29 3.82
CA PRO A 6 -1.46 -2.18 4.49
C PRO A 6 -0.52 -1.50 5.46
N ALA A 7 0.80 -1.79 5.40
CA ALA A 7 1.79 -1.12 6.21
C ALA A 7 2.03 0.27 5.67
N CYS A 8 1.51 0.53 4.45
CA CYS A 8 1.51 1.84 3.85
C CYS A 8 0.20 2.52 4.15
N GLY A 9 -0.62 1.96 5.07
CA GLY A 9 -1.80 2.64 5.56
C GLY A 9 -2.88 2.50 4.54
N LYS A 10 -3.27 3.64 3.91
CA LYS A 10 -4.29 3.67 2.90
C LYS A 10 -3.66 4.07 1.61
N TYR A 11 -2.32 4.04 1.58
CA TYR A 11 -1.55 4.49 0.45
C TYR A 11 -0.90 3.27 -0.10
N TYR A 12 -1.71 2.25 -0.42
CA TYR A 12 -1.21 1.05 -1.03
C TYR A 12 -2.27 0.76 -2.03
N SER A 13 -1.93 -0.05 -3.04
CA SER A 13 -2.70 -0.13 -4.25
C SER A 13 -3.61 -1.30 -4.24
N CYS A 14 -3.58 -2.04 -3.13
CA CYS A 14 -4.27 -3.29 -2.99
C CYS A 14 -5.32 -3.13 -1.89
N GLY A 1 5.02 3.21 -6.30
CA GLY A 1 4.68 2.20 -7.31
C GLY A 1 3.37 1.60 -6.97
N ARG A 2 3.36 0.60 -6.07
CA ARG A 2 2.18 0.03 -5.51
C ARG A 2 2.75 -0.29 -4.17
N CYS A 3 1.93 -0.56 -3.16
CA CYS A 3 2.39 -1.03 -1.90
C CYS A 3 1.30 -2.00 -1.66
N CYS A 4 1.64 -3.21 -1.17
CA CYS A 4 0.71 -4.30 -1.16
C CYS A 4 1.03 -5.06 0.09
N HIS A 5 1.09 -4.34 1.24
CA HIS A 5 1.08 -4.94 2.53
C HIS A 5 0.35 -3.86 3.28
N PRO A 6 -0.25 -4.08 4.45
CA PRO A 6 -1.10 -3.09 5.08
C PRO A 6 -0.32 -1.97 5.71
N ALA A 7 1.02 -2.07 5.76
CA ALA A 7 1.87 -1.09 6.40
C ALA A 7 2.17 0.03 5.43
N CYS A 8 1.10 0.61 4.86
CA CYS A 8 1.17 1.75 3.98
C CYS A 8 -0.09 2.48 4.26
N GLY A 9 -1.25 1.86 3.93
CA GLY A 9 -2.53 2.34 4.38
C GLY A 9 -3.05 3.40 3.45
N LYS A 10 -2.39 4.58 3.44
CA LYS A 10 -2.85 5.73 2.69
C LYS A 10 -2.05 5.87 1.43
N TYR A 11 -1.21 4.87 1.19
CA TYR A 11 -0.39 4.76 0.00
C TYR A 11 -0.49 3.32 -0.37
N TYR A 12 -1.68 2.73 -0.23
CA TYR A 12 -1.91 1.33 -0.47
C TYR A 12 -2.34 1.21 -1.90
N SER A 13 -2.08 0.06 -2.56
CA SER A 13 -2.57 -0.21 -3.86
C SER A 13 -2.62 -1.71 -3.79
N CYS A 14 -2.50 -2.35 -4.95
CA CYS A 14 -2.91 -3.71 -5.25
C CYS A 14 -4.43 -3.85 -5.08
N GLY A 1 7.19 0.32 -8.72
CA GLY A 1 6.46 -0.82 -8.10
C GLY A 1 5.09 -0.37 -7.73
N ARG A 2 4.68 -0.63 -6.48
CA ARG A 2 3.40 -0.24 -5.96
C ARG A 2 3.67 -0.48 -4.51
N CYS A 3 2.65 -0.32 -3.66
CA CYS A 3 2.68 -0.81 -2.32
C CYS A 3 1.33 -1.44 -2.30
N CYS A 4 1.18 -2.54 -1.56
CA CYS A 4 -0.11 -3.07 -1.22
C CYS A 4 0.18 -3.85 0.01
N HIS A 5 0.42 -3.18 1.16
CA HIS A 5 0.58 -3.87 2.40
C HIS A 5 0.21 -2.79 3.37
N PRO A 6 -0.31 -3.08 4.56
CA PRO A 6 -0.96 -2.08 5.41
C PRO A 6 0.06 -1.24 6.12
N ALA A 7 1.36 -1.56 5.99
CA ALA A 7 2.42 -0.81 6.61
C ALA A 7 2.70 0.45 5.84
N CYS A 8 2.12 0.60 4.63
CA CYS A 8 2.21 1.86 3.91
C CYS A 8 1.20 2.79 4.48
N GLY A 9 -0.05 2.35 4.66
CA GLY A 9 -1.04 3.17 5.24
C GLY A 9 -2.25 2.39 4.88
N LYS A 10 -3.43 3.05 4.94
CA LYS A 10 -4.70 2.47 4.61
C LYS A 10 -5.07 2.95 3.23
N TYR A 11 -4.07 3.31 2.43
CA TYR A 11 -4.20 3.84 1.12
C TYR A 11 -2.92 3.23 0.69
N TYR A 12 -2.93 2.61 -0.49
CA TYR A 12 -1.82 1.99 -1.14
C TYR A 12 -2.52 1.65 -2.42
N SER A 13 -1.82 1.04 -3.39
CA SER A 13 -2.27 1.01 -4.75
C SER A 13 -2.15 -0.39 -5.21
N CYS A 14 -3.14 -1.23 -4.84
CA CYS A 14 -3.15 -2.64 -5.18
C CYS A 14 -3.66 -2.85 -6.63
N GLY A 1 5.80 2.98 -8.14
CA GLY A 1 5.73 2.73 -6.68
C GLY A 1 4.31 2.66 -6.27
N ARG A 2 3.92 1.56 -5.60
CA ARG A 2 2.61 1.37 -5.05
C ARG A 2 3.04 0.55 -3.88
N CYS A 3 2.13 0.33 -2.91
CA CYS A 3 2.38 -0.57 -1.82
C CYS A 3 1.26 -1.56 -1.92
N CYS A 4 1.45 -2.74 -1.30
CA CYS A 4 0.57 -3.86 -1.45
C CYS A 4 0.93 -4.72 -0.28
N HIS A 5 1.12 -4.10 0.91
CA HIS A 5 1.54 -4.77 2.09
C HIS A 5 0.70 -4.05 3.10
N PRO A 6 0.08 -4.65 4.13
CA PRO A 6 -1.02 -4.01 4.84
C PRO A 6 -0.65 -2.83 5.68
N ALA A 7 0.64 -2.66 6.06
CA ALA A 7 1.06 -1.51 6.82
C ALA A 7 1.61 -0.53 5.84
N CYS A 8 0.71 -0.05 4.98
CA CYS A 8 0.91 1.12 4.22
C CYS A 8 -0.47 1.61 4.34
N GLY A 9 -0.64 2.93 4.38
CA GLY A 9 -1.89 3.59 4.17
C GLY A 9 -1.55 4.41 2.99
N LYS A 10 -2.56 4.92 2.24
CA LYS A 10 -2.43 5.75 1.08
C LYS A 10 -2.10 4.95 -0.14
N TYR A 11 -0.88 4.47 -0.07
CA TYR A 11 -0.13 3.83 -1.13
C TYR A 11 -0.56 2.41 -1.29
N TYR A 12 -1.29 1.89 -0.27
CA TYR A 12 -1.81 0.54 -0.21
C TYR A 12 -2.82 0.39 -1.32
N SER A 13 -2.37 -0.15 -2.46
CA SER A 13 -3.10 -0.11 -3.69
C SER A 13 -3.54 -1.49 -4.01
N CYS A 14 -3.80 -2.30 -2.96
CA CYS A 14 -4.26 -3.66 -3.12
C CYS A 14 -5.42 -3.85 -2.13
N GLY A 1 6.04 0.52 -9.13
CA GLY A 1 6.12 1.01 -7.74
C GLY A 1 4.76 1.35 -7.24
N ARG A 2 4.40 0.83 -6.06
CA ARG A 2 3.17 1.14 -5.40
C ARG A 2 3.51 0.59 -4.06
N CYS A 3 2.55 0.59 -3.11
CA CYS A 3 2.69 -0.11 -1.87
C CYS A 3 1.54 -1.08 -1.90
N CYS A 4 1.82 -2.33 -1.49
CA CYS A 4 0.95 -3.45 -1.77
C CYS A 4 0.87 -4.29 -0.53
N HIS A 5 1.45 -3.83 0.60
CA HIS A 5 1.36 -4.55 1.84
C HIS A 5 0.55 -3.64 2.72
N PRO A 6 -0.28 -4.11 3.65
CA PRO A 6 -1.20 -3.27 4.41
C PRO A 6 -0.51 -2.59 5.57
N ALA A 7 0.80 -2.33 5.46
CA ALA A 7 1.55 -1.53 6.40
C ALA A 7 1.80 -0.22 5.72
N CYS A 8 0.91 0.10 4.76
CA CYS A 8 0.78 1.37 4.16
C CYS A 8 -0.68 1.45 4.37
N GLY A 9 -1.18 2.62 4.80
CA GLY A 9 -2.59 2.84 4.93
C GLY A 9 -3.06 3.51 3.68
N LYS A 10 -2.56 4.72 3.40
CA LYS A 10 -3.19 5.63 2.47
C LYS A 10 -2.53 5.56 1.14
N TYR A 11 -1.62 4.58 1.00
CA TYR A 11 -0.86 4.35 -0.19
C TYR A 11 -1.07 2.92 -0.57
N TYR A 12 -2.02 2.25 0.12
CA TYR A 12 -2.24 0.84 0.01
C TYR A 12 -2.98 0.64 -1.28
N SER A 13 -2.30 0.04 -2.27
CA SER A 13 -2.79 0.05 -3.63
C SER A 13 -3.04 -1.35 -4.08
N CYS A 14 -3.28 -2.28 -3.12
CA CYS A 14 -3.61 -3.64 -3.45
C CYS A 14 -4.81 -4.05 -2.58
N GLY A 1 7.97 0.40 -8.04
CA GLY A 1 7.16 -0.64 -7.37
C GLY A 1 5.77 -0.14 -7.16
N ARG A 2 5.15 -0.51 -6.02
CA ARG A 2 3.86 -0.06 -5.62
C ARG A 2 3.95 -0.44 -4.19
N CYS A 3 2.96 -0.07 -3.36
CA CYS A 3 2.94 -0.42 -1.96
C CYS A 3 1.67 -1.23 -1.85
N CYS A 4 1.77 -2.55 -2.05
CA CYS A 4 0.63 -3.44 -2.07
C CYS A 4 0.80 -4.33 -0.88
N HIS A 5 0.67 -3.76 0.32
CA HIS A 5 0.61 -4.52 1.53
C HIS A 5 0.22 -3.40 2.45
N PRO A 6 -0.42 -3.60 3.59
CA PRO A 6 -0.78 -2.50 4.49
C PRO A 6 0.40 -1.92 5.26
N ALA A 7 1.62 -1.88 4.68
CA ALA A 7 2.77 -1.28 5.30
C ALA A 7 2.83 0.15 4.87
N CYS A 8 1.94 0.52 3.94
CA CYS A 8 1.56 1.89 3.75
C CYS A 8 0.13 1.68 4.10
N GLY A 9 -0.44 2.51 4.97
CA GLY A 9 -1.84 2.38 5.32
C GLY A 9 -2.60 3.31 4.42
N LYS A 10 -3.94 3.25 4.46
CA LYS A 10 -4.82 4.15 3.77
C LYS A 10 -4.82 3.83 2.32
N TYR A 11 -4.49 4.83 1.51
CA TYR A 11 -4.48 4.78 0.07
C TYR A 11 -3.20 4.13 -0.37
N TYR A 12 -3.04 2.84 -0.03
CA TYR A 12 -1.97 2.02 -0.53
C TYR A 12 -2.53 1.32 -1.74
N SER A 13 -1.69 0.60 -2.51
CA SER A 13 -1.97 0.33 -3.90
C SER A 13 -2.79 -0.91 -4.10
N CYS A 14 -3.22 -1.49 -2.97
CA CYS A 14 -4.11 -2.62 -2.94
C CYS A 14 -5.05 -2.38 -1.73
N GLY A 1 7.42 0.90 -8.81
CA GLY A 1 7.08 0.83 -7.38
C GLY A 1 5.60 0.81 -7.21
N ARG A 2 5.09 0.02 -6.25
CA ARG A 2 3.71 -0.09 -5.93
C ARG A 2 3.87 -0.45 -4.50
N CYS A 3 2.81 -0.36 -3.68
CA CYS A 3 2.84 -0.90 -2.35
C CYS A 3 1.61 -1.73 -2.30
N CYS A 4 1.70 -3.00 -1.87
CA CYS A 4 0.54 -3.85 -1.70
C CYS A 4 0.73 -4.55 -0.40
N HIS A 5 0.72 -3.79 0.71
CA HIS A 5 0.42 -4.31 2.01
C HIS A 5 -0.10 -3.05 2.65
N PRO A 6 -0.96 -3.07 3.67
CA PRO A 6 -1.54 -1.85 4.23
C PRO A 6 -0.63 -1.26 5.28
N ALA A 7 0.67 -1.63 5.31
CA ALA A 7 1.61 -1.12 6.28
C ALA A 7 2.27 0.11 5.74
N CYS A 8 1.93 0.49 4.49
CA CYS A 8 2.39 1.71 3.87
C CYS A 8 1.55 2.84 4.36
N GLY A 9 0.22 2.67 4.28
CA GLY A 9 -0.72 3.67 4.64
C GLY A 9 -1.93 2.88 4.30
N LYS A 10 -3.13 3.42 4.54
CA LYS A 10 -4.36 2.68 4.33
C LYS A 10 -4.95 3.09 3.02
N TYR A 11 -4.12 3.66 2.14
CA TYR A 11 -4.43 4.00 0.79
C TYR A 11 -3.07 3.58 0.35
N TYR A 12 -3.00 2.71 -0.65
CA TYR A 12 -1.82 2.02 -1.11
C TYR A 12 -2.43 1.32 -2.30
N SER A 13 -1.65 0.48 -3.03
CA SER A 13 -1.95 0.15 -4.41
C SER A 13 -2.72 -1.12 -4.54
N CYS A 14 -3.10 -1.69 -3.39
CA CYS A 14 -4.01 -2.82 -3.33
C CYS A 14 -4.92 -2.53 -2.13
N GLY A 1 7.24 1.58 -7.30
CA GLY A 1 6.86 0.61 -6.26
C GLY A 1 5.38 0.45 -6.21
N ARG A 2 4.91 -0.52 -5.40
CA ARG A 2 3.50 -0.78 -5.22
C ARG A 2 3.41 -0.66 -3.74
N CYS A 3 2.26 -0.20 -3.23
CA CYS A 3 2.03 -0.02 -1.83
C CYS A 3 0.91 -0.98 -1.58
N CYS A 4 1.23 -2.28 -1.67
CA CYS A 4 0.34 -3.36 -1.36
C CYS A 4 1.15 -4.22 -0.43
N HIS A 5 1.20 -3.79 0.84
CA HIS A 5 1.85 -4.50 1.89
C HIS A 5 1.15 -3.80 3.02
N PRO A 6 1.03 -4.33 4.23
CA PRO A 6 0.09 -3.78 5.20
C PRO A 6 0.64 -2.51 5.78
N ALA A 7 1.98 -2.38 5.85
CA ALA A 7 2.63 -1.19 6.35
C ALA A 7 2.74 -0.22 5.21
N CYS A 8 1.56 0.18 4.71
CA CYS A 8 1.39 1.13 3.65
C CYS A 8 0.67 2.25 4.36
N GLY A 9 -0.66 2.32 4.23
CA GLY A 9 -1.44 3.38 4.78
C GLY A 9 -2.59 3.25 3.84
N LYS A 10 -3.40 4.31 3.67
CA LYS A 10 -4.59 4.25 2.84
C LYS A 10 -4.28 4.67 1.43
N TYR A 11 -2.97 4.72 1.10
CA TYR A 11 -2.45 5.07 -0.21
C TYR A 11 -2.20 3.72 -0.85
N TYR A 12 -3.21 2.84 -0.73
CA TYR A 12 -3.07 1.41 -0.86
C TYR A 12 -3.36 1.08 -2.29
N SER A 13 -2.43 0.40 -3.00
CA SER A 13 -2.49 0.35 -4.44
C SER A 13 -3.37 -0.75 -4.93
N CYS A 14 -3.82 -1.56 -3.98
CA CYS A 14 -4.61 -2.74 -4.22
C CYS A 14 -5.98 -2.57 -3.53
N GLY A 1 2.66 4.54 -4.37
CA GLY A 1 2.78 4.05 -5.77
C GLY A 1 2.31 2.63 -5.84
N ARG A 2 3.21 1.67 -5.57
CA ARG A 2 2.85 0.29 -5.48
C ARG A 2 3.40 -0.05 -4.14
N CYS A 3 2.59 -0.71 -3.31
CA CYS A 3 3.00 -1.36 -2.11
C CYS A 3 1.78 -2.20 -1.98
N CYS A 4 1.87 -3.33 -1.25
CA CYS A 4 0.92 -4.38 -1.40
C CYS A 4 0.73 -5.02 -0.06
N HIS A 5 0.77 -4.22 1.03
CA HIS A 5 0.43 -4.71 2.33
C HIS A 5 -0.20 -3.49 2.95
N PRO A 6 -1.13 -3.57 3.90
CA PRO A 6 -1.96 -2.44 4.31
C PRO A 6 -1.20 -1.53 5.24
N ALA A 7 0.03 -1.92 5.63
CA ALA A 7 0.88 -1.13 6.49
C ALA A 7 1.43 0.04 5.72
N CYS A 8 1.25 0.03 4.39
CA CYS A 8 1.65 1.12 3.53
C CYS A 8 0.56 2.15 3.45
N GLY A 9 -0.62 1.92 4.06
CA GLY A 9 -1.59 2.96 4.30
C GLY A 9 -2.14 3.54 3.03
N LYS A 10 -1.67 4.75 2.64
CA LYS A 10 -2.22 5.48 1.51
C LYS A 10 -1.38 5.28 0.29
N TYR A 11 -0.43 4.34 0.37
CA TYR A 11 0.39 3.92 -0.73
C TYR A 11 0.15 2.46 -0.95
N TYR A 12 -0.92 1.93 -0.32
CA TYR A 12 -1.28 0.54 -0.37
C TYR A 12 -2.13 0.39 -1.61
N SER A 13 -1.63 -0.36 -2.60
CA SER A 13 -2.23 -0.38 -3.92
C SER A 13 -2.56 -1.80 -4.28
N CYS A 14 -2.98 -2.60 -3.28
CA CYS A 14 -3.46 -3.94 -3.52
C CYS A 14 -4.68 -4.11 -2.58
N GLY A 1 6.25 3.47 -7.65
CA GLY A 1 6.02 2.69 -6.42
C GLY A 1 4.57 2.70 -6.08
N ARG A 2 4.03 1.54 -5.65
CA ARG A 2 2.70 1.38 -5.16
C ARG A 2 3.04 0.39 -4.09
N CYS A 3 2.14 0.19 -3.11
CA CYS A 3 2.41 -0.69 -2.01
C CYS A 3 1.28 -1.66 -2.02
N CYS A 4 1.53 -2.90 -1.56
CA CYS A 4 0.58 -3.96 -1.59
C CYS A 4 0.86 -4.75 -0.36
N HIS A 5 1.04 -4.09 0.80
CA HIS A 5 1.09 -4.79 2.05
C HIS A 5 0.37 -3.82 2.92
N PRO A 6 -0.33 -4.21 3.98
CA PRO A 6 -1.31 -3.36 4.66
C PRO A 6 -0.64 -2.44 5.64
N ALA A 7 0.71 -2.45 5.72
CA ALA A 7 1.47 -1.52 6.51
C ALA A 7 1.93 -0.46 5.56
N CYS A 8 0.95 0.11 4.86
CA CYS A 8 1.09 1.23 4.03
C CYS A 8 -0.29 1.70 4.20
N GLY A 9 -0.48 3.01 4.36
CA GLY A 9 -1.78 3.63 4.41
C GLY A 9 -2.23 3.85 3.00
N LYS A 10 -2.20 5.09 2.50
CA LYS A 10 -2.84 5.47 1.26
C LYS A 10 -1.93 5.27 0.08
N TYR A 11 -1.01 4.31 0.20
CA TYR A 11 -0.21 3.81 -0.89
C TYR A 11 -0.60 2.36 -1.07
N TYR A 12 -1.42 1.81 -0.13
CA TYR A 12 -1.86 0.43 -0.14
C TYR A 12 -2.85 0.29 -1.26
N SER A 13 -2.40 -0.37 -2.34
CA SER A 13 -3.08 -0.35 -3.61
C SER A 13 -3.61 -1.71 -3.91
N CYS A 14 -3.86 -2.52 -2.87
CA CYS A 14 -4.40 -3.84 -3.03
C CYS A 14 -5.55 -3.99 -2.01
N GLY A 1 7.84 1.26 -7.97
CA GLY A 1 7.18 0.04 -7.45
C GLY A 1 5.74 0.30 -7.25
N ARG A 2 5.18 -0.20 -6.13
CA ARG A 2 3.82 0.02 -5.74
C ARG A 2 3.94 -0.31 -4.31
N CYS A 3 2.82 -0.20 -3.56
CA CYS A 3 2.73 -0.71 -2.21
C CYS A 3 1.49 -1.55 -2.28
N CYS A 4 1.60 -2.83 -1.93
CA CYS A 4 0.48 -3.76 -1.87
C CYS A 4 0.81 -4.61 -0.69
N HIS A 5 0.95 -3.97 0.47
CA HIS A 5 1.00 -4.62 1.74
C HIS A 5 0.39 -3.51 2.52
N PRO A 6 -0.27 -3.71 3.65
CA PRO A 6 -1.06 -2.65 4.26
C PRO A 6 -0.18 -1.74 5.06
N ALA A 7 1.14 -2.05 5.18
CA ALA A 7 2.08 -1.32 5.99
C ALA A 7 2.59 -0.12 5.23
N CYS A 8 1.65 0.67 4.68
CA CYS A 8 1.92 1.94 4.06
C CYS A 8 0.96 2.89 4.70
N GLY A 9 -0.37 2.70 4.52
CA GLY A 9 -1.32 3.59 5.09
C GLY A 9 -2.54 3.11 4.41
N LYS A 10 -3.65 3.89 4.47
CA LYS A 10 -4.92 3.55 3.88
C LYS A 10 -4.98 4.20 2.51
N TYR A 11 -3.81 4.28 1.84
CA TYR A 11 -3.68 4.71 0.49
C TYR A 11 -2.57 3.80 0.18
N TYR A 12 -2.80 2.81 -0.69
CA TYR A 12 -1.80 1.90 -1.13
C TYR A 12 -2.59 1.24 -2.23
N SER A 13 -1.96 0.36 -3.04
CA SER A 13 -2.48 0.07 -4.36
C SER A 13 -3.30 -1.18 -4.37
N CYS A 14 -3.44 -1.78 -3.19
CA CYS A 14 -4.25 -2.97 -3.01
C CYS A 14 -5.12 -2.71 -1.77
N GLY A 1 7.25 0.31 -8.89
CA GLY A 1 6.97 0.55 -7.46
C GLY A 1 5.49 0.49 -7.23
N ARG A 2 5.07 -0.13 -6.11
CA ARG A 2 3.71 -0.20 -5.69
C ARG A 2 3.95 -0.27 -4.24
N CYS A 3 2.90 0.01 -3.41
CA CYS A 3 2.95 -0.28 -2.01
C CYS A 3 1.71 -1.10 -1.84
N CYS A 4 1.86 -2.43 -1.69
CA CYS A 4 0.75 -3.32 -1.58
C CYS A 4 1.20 -4.24 -0.51
N HIS A 5 0.83 -3.92 0.73
CA HIS A 5 0.93 -4.77 1.88
C HIS A 5 0.19 -3.87 2.82
N PRO A 6 -0.22 -4.27 4.03
CA PRO A 6 -0.99 -3.38 4.90
C PRO A 6 -0.12 -2.30 5.49
N ALA A 7 1.22 -2.50 5.52
CA ALA A 7 2.14 -1.59 6.15
C ALA A 7 2.49 -0.52 5.14
N CYS A 8 1.48 0.23 4.69
CA CYS A 8 1.63 1.25 3.70
C CYS A 8 0.98 2.46 4.28
N GLY A 9 -0.36 2.57 4.14
CA GLY A 9 -1.07 3.74 4.52
C GLY A 9 -2.43 3.33 4.07
N LYS A 10 -3.42 4.24 4.16
CA LYS A 10 -4.80 3.96 3.86
C LYS A 10 -5.13 4.48 2.48
N TYR A 11 -4.09 4.56 1.64
CA TYR A 11 -4.19 4.84 0.24
C TYR A 11 -2.98 4.05 -0.03
N TYR A 12 -3.07 3.05 -0.90
CA TYR A 12 -2.00 2.14 -1.15
C TYR A 12 -2.55 1.37 -2.30
N SER A 13 -1.75 0.47 -2.89
CA SER A 13 -1.94 -0.02 -4.23
C SER A 13 -2.65 -1.33 -4.28
N CYS A 14 -3.28 -1.69 -3.16
CA CYS A 14 -4.25 -2.75 -3.15
C CYS A 14 -5.21 -2.43 -1.98
N GLY A 1 7.52 1.28 -7.98
CA GLY A 1 6.94 0.00 -7.55
C GLY A 1 5.47 0.16 -7.30
N ARG A 2 4.96 -0.50 -6.25
CA ARG A 2 3.59 -0.40 -5.83
C ARG A 2 3.82 -0.57 -4.37
N CYS A 3 2.81 -0.19 -3.55
CA CYS A 3 2.84 -0.43 -2.13
C CYS A 3 1.60 -1.25 -1.93
N CYS A 4 1.76 -2.55 -1.63
CA CYS A 4 0.66 -3.45 -1.38
C CYS A 4 1.20 -4.31 -0.29
N HIS A 5 0.90 -3.96 0.95
CA HIS A 5 1.16 -4.75 2.11
C HIS A 5 0.42 -3.90 3.09
N PRO A 6 0.14 -4.30 4.33
CA PRO A 6 -0.66 -3.49 5.24
C PRO A 6 0.11 -2.27 5.68
N ALA A 7 1.45 -2.38 5.74
CA ALA A 7 2.32 -1.35 6.22
C ALA A 7 2.59 -0.36 5.11
N CYS A 8 1.51 0.26 4.60
CA CYS A 8 1.59 1.27 3.59
C CYS A 8 0.89 2.44 4.17
N GLY A 9 -0.45 2.48 4.11
CA GLY A 9 -1.18 3.63 4.55
C GLY A 9 -2.54 3.23 4.11
N LYS A 10 -3.51 4.17 4.16
CA LYS A 10 -4.90 3.90 3.90
C LYS A 10 -5.25 4.34 2.51
N TYR A 11 -4.21 4.44 1.67
CA TYR A 11 -4.27 4.75 0.28
C TYR A 11 -3.02 4.01 0.04
N TYR A 12 -3.05 3.09 -0.92
CA TYR A 12 -1.96 2.21 -1.23
C TYR A 12 -2.51 1.55 -2.44
N SER A 13 -1.76 0.63 -3.07
CA SER A 13 -1.97 0.32 -4.46
C SER A 13 -2.85 -0.87 -4.64
N CYS A 14 -3.32 -1.40 -3.51
CA CYS A 14 -4.21 -2.53 -3.45
C CYS A 14 -5.38 -2.12 -2.54
N GLY A 1 5.69 0.61 -9.46
CA GLY A 1 5.71 0.50 -7.99
C GLY A 1 4.35 0.77 -7.44
N ARG A 2 3.97 0.04 -6.37
CA ARG A 2 2.73 0.23 -5.68
C ARG A 2 3.19 -0.18 -4.33
N CYS A 3 2.43 0.16 -3.27
CA CYS A 3 2.72 -0.17 -1.92
C CYS A 3 1.59 -1.10 -1.58
N CYS A 4 1.90 -2.36 -1.20
CA CYS A 4 0.91 -3.38 -1.05
C CYS A 4 1.43 -4.29 0.02
N HIS A 5 1.29 -3.85 1.28
CA HIS A 5 1.56 -4.63 2.45
C HIS A 5 0.77 -3.80 3.42
N PRO A 6 0.32 -4.25 4.59
CA PRO A 6 -0.78 -3.60 5.28
C PRO A 6 -0.32 -2.35 6.00
N ALA A 7 0.99 -2.05 5.96
CA ALA A 7 1.56 -0.90 6.61
C ALA A 7 1.45 0.31 5.73
N CYS A 8 0.99 0.14 4.48
CA CYS A 8 0.90 1.23 3.54
C CYS A 8 -0.24 2.14 3.87
N GLY A 9 -1.29 1.62 4.54
CA GLY A 9 -2.38 2.42 5.03
C GLY A 9 -3.19 2.96 3.88
N LYS A 10 -3.15 4.29 3.68
CA LYS A 10 -3.95 4.97 2.67
C LYS A 10 -3.21 5.02 1.37
N TYR A 11 -2.00 4.48 1.38
CA TYR A 11 -1.13 4.42 0.22
C TYR A 11 -1.16 3.02 -0.29
N TYR A 12 -2.05 2.17 0.27
CA TYR A 12 -2.23 0.79 -0.12
C TYR A 12 -2.81 0.80 -1.50
N SER A 13 -1.98 0.47 -2.50
CA SER A 13 -2.22 0.94 -3.86
C SER A 13 -2.60 -0.20 -4.73
N CYS A 14 -2.65 -1.40 -4.12
CA CYS A 14 -3.22 -2.58 -4.72
C CYS A 14 -4.72 -2.52 -4.39
N GLY A 1 3.87 3.92 -6.34
CA GLY A 1 4.65 2.69 -6.58
C GLY A 1 3.77 1.50 -6.51
N ARG A 2 4.27 0.39 -5.94
CA ARG A 2 3.49 -0.79 -5.72
C ARG A 2 3.77 -1.12 -4.31
N CYS A 3 2.71 -1.49 -3.57
CA CYS A 3 2.77 -1.97 -2.22
C CYS A 3 1.34 -2.37 -2.12
N CYS A 4 1.01 -3.26 -1.17
CA CYS A 4 -0.35 -3.61 -0.84
C CYS A 4 -0.19 -4.25 0.49
N HIS A 5 0.17 -3.46 1.53
CA HIS A 5 0.22 -3.95 2.87
C HIS A 5 -0.26 -2.75 3.61
N PRO A 6 -0.94 -2.84 4.75
CA PRO A 6 -1.34 -1.68 5.55
C PRO A 6 -0.16 -1.09 6.26
N ALA A 7 1.03 -1.71 6.10
CA ALA A 7 2.30 -1.23 6.57
C ALA A 7 2.75 -0.05 5.75
N CYS A 8 2.19 0.09 4.53
CA CYS A 8 2.46 1.23 3.71
C CYS A 8 1.56 2.33 4.14
N GLY A 9 0.23 2.11 4.11
CA GLY A 9 -0.70 3.06 4.61
C GLY A 9 -1.93 2.48 4.04
N LYS A 10 -3.00 3.28 3.95
CA LYS A 10 -4.19 2.91 3.22
C LYS A 10 -4.16 3.71 1.96
N TYR A 11 -2.96 3.77 1.34
CA TYR A 11 -2.68 4.36 0.09
C TYR A 11 -1.66 3.32 -0.19
N TYR A 12 -1.76 2.66 -1.35
CA TYR A 12 -0.97 1.54 -1.71
C TYR A 12 -1.55 1.32 -3.06
N SER A 13 -1.10 0.29 -3.79
CA SER A 13 -1.56 0.04 -5.13
C SER A 13 -2.09 -1.35 -5.10
N CYS A 14 -3.09 -1.59 -4.24
CA CYS A 14 -3.84 -2.83 -4.21
C CYS A 14 -4.87 -2.79 -5.37
N GLY A 1 4.56 4.01 -7.60
CA GLY A 1 4.78 2.60 -7.20
C GLY A 1 3.47 1.95 -6.90
N ARG A 2 3.42 1.15 -5.82
CA ARG A 2 2.25 0.51 -5.36
C ARG A 2 2.80 0.04 -4.05
N CYS A 3 1.98 -0.57 -3.19
CA CYS A 3 2.46 -1.22 -2.02
C CYS A 3 1.29 -2.10 -1.83
N CYS A 4 1.49 -3.30 -1.24
CA CYS A 4 0.45 -4.29 -1.13
C CYS A 4 0.48 -4.86 0.28
N HIS A 5 1.06 -4.16 1.30
CA HIS A 5 1.13 -4.73 2.63
C HIS A 5 0.43 -3.73 3.52
N PRO A 6 -0.24 -4.09 4.62
CA PRO A 6 -1.27 -3.24 5.21
C PRO A 6 -0.69 -2.17 6.08
N ALA A 7 0.65 -2.02 6.11
CA ALA A 7 1.32 -0.96 6.83
C ALA A 7 1.27 0.28 5.99
N CYS A 8 1.05 0.11 4.67
CA CYS A 8 1.07 1.17 3.71
C CYS A 8 -0.27 1.85 3.68
N GLY A 9 -0.59 2.60 4.76
CA GLY A 9 -1.83 3.33 4.88
C GLY A 9 -1.87 4.44 3.87
N LYS A 10 -2.72 4.26 2.82
CA LYS A 10 -2.96 5.18 1.73
C LYS A 10 -1.83 5.19 0.74
N TYR A 11 -0.98 4.15 0.80
CA TYR A 11 0.00 3.88 -0.21
C TYR A 11 -0.34 2.53 -0.80
N TYR A 12 -1.07 1.68 -0.04
CA TYR A 12 -1.64 0.41 -0.44
C TYR A 12 -2.43 0.63 -1.70
N SER A 13 -1.98 0.03 -2.82
CA SER A 13 -2.55 0.34 -4.11
C SER A 13 -2.86 -0.92 -4.83
N CYS A 14 -2.75 -2.04 -4.11
CA CYS A 14 -2.94 -3.35 -4.71
C CYS A 14 -4.37 -3.76 -4.36
N GLY A 1 6.11 3.96 -5.38
CA GLY A 1 6.17 2.80 -6.29
C GLY A 1 4.80 2.21 -6.40
N ARG A 2 4.57 1.10 -5.68
CA ARG A 2 3.30 0.44 -5.63
C ARG A 2 3.54 -0.28 -4.34
N CYS A 3 2.50 -0.85 -3.73
CA CYS A 3 2.63 -1.49 -2.45
C CYS A 3 1.38 -2.28 -2.41
N CYS A 4 1.34 -3.35 -1.61
CA CYS A 4 0.17 -4.19 -1.48
C CYS A 4 0.27 -4.68 -0.07
N HIS A 5 0.38 -3.76 0.91
CA HIS A 5 0.39 -4.13 2.29
C HIS A 5 -0.27 -2.93 2.88
N PRO A 6 -1.02 -3.00 3.99
CA PRO A 6 -1.50 -1.84 4.72
C PRO A 6 -0.38 -1.21 5.52
N ALA A 7 0.87 -1.70 5.36
CA ALA A 7 2.07 -1.14 5.94
C ALA A 7 2.37 0.19 5.29
N CYS A 8 1.78 0.40 4.10
CA CYS A 8 1.90 1.63 3.36
C CYS A 8 0.69 2.48 3.64
N GLY A 9 -0.05 2.19 4.72
CA GLY A 9 -1.12 3.02 5.19
C GLY A 9 -2.31 2.77 4.31
N LYS A 10 -2.74 3.81 3.56
CA LYS A 10 -3.82 3.69 2.62
C LYS A 10 -3.30 4.08 1.28
N TYR A 11 -1.96 4.07 1.12
CA TYR A 11 -1.31 4.34 -0.13
C TYR A 11 -0.76 3.02 -0.57
N TYR A 12 -1.63 2.07 -0.93
CA TYR A 12 -1.19 0.80 -1.43
C TYR A 12 -2.23 0.47 -2.42
N SER A 13 -1.94 -0.51 -3.29
CA SER A 13 -2.66 -0.71 -4.52
C SER A 13 -3.62 -1.85 -4.40
N CYS A 14 -3.83 -2.32 -3.16
CA CYS A 14 -4.67 -3.46 -2.89
C CYS A 14 -5.74 -3.03 -1.87
N GLY A 1 3.40 4.13 -5.38
CA GLY A 1 3.95 3.19 -6.38
C GLY A 1 3.24 1.88 -6.23
N ARG A 2 3.96 0.84 -5.78
CA ARG A 2 3.38 -0.44 -5.52
C ARG A 2 3.67 -0.69 -4.08
N CYS A 3 2.69 -1.25 -3.37
CA CYS A 3 2.79 -1.77 -2.04
C CYS A 3 1.47 -2.47 -2.06
N CYS A 4 1.34 -3.59 -1.34
CA CYS A 4 0.08 -4.26 -1.17
C CYS A 4 0.27 -5.04 0.11
N HIS A 5 0.33 -4.31 1.23
CA HIS A 5 0.13 -4.84 2.55
C HIS A 5 -0.31 -3.56 3.18
N PRO A 6 -0.98 -3.50 4.33
CA PRO A 6 -1.57 -2.25 4.80
C PRO A 6 -0.53 -1.42 5.50
N ALA A 7 0.65 -2.00 5.81
CA ALA A 7 1.67 -1.35 6.62
C ALA A 7 2.52 -0.44 5.76
N CYS A 8 1.85 0.42 4.97
CA CYS A 8 2.47 1.37 4.08
C CYS A 8 1.85 2.69 4.39
N GLY A 9 0.52 2.84 4.19
CA GLY A 9 -0.10 4.11 4.40
C GLY A 9 -1.48 3.78 4.00
N LYS A 10 -2.33 4.80 3.79
CA LYS A 10 -3.71 4.63 3.42
C LYS A 10 -3.85 4.81 1.93
N TYR A 11 -2.77 4.50 1.19
CA TYR A 11 -2.69 4.52 -0.21
C TYR A 11 -1.72 3.41 -0.26
N TYR A 12 -1.97 2.42 -1.13
CA TYR A 12 -1.11 1.34 -1.49
C TYR A 12 -1.86 0.89 -2.70
N SER A 13 -1.34 -0.12 -3.42
CA SER A 13 -1.80 -0.41 -4.76
C SER A 13 -2.00 -1.89 -4.85
N CYS A 14 -3.09 -2.41 -4.25
CA CYS A 14 -3.47 -3.80 -4.43
C CYS A 14 -4.38 -3.89 -5.68
#